data_9OSX
#
_entry.id   9OSX
#
_cell.length_a   87.615
_cell.length_b   37.976
_cell.length_c   173.374
_cell.angle_alpha   90.000
_cell.angle_beta   92.470
_cell.angle_gamma   90.000
#
_symmetry.space_group_name_H-M   'C 1 2 1'
#
loop_
_entity.id
_entity.type
_entity.pdbx_description
1 polymer PfCyRPA-EM
2 polymer 'Cy.004 heavy chain'
3 polymer 'Cy.004 light chain'
4 water water
#
loop_
_entity_poly.entity_id
_entity_poly.type
_entity_poly.pdbx_seq_one_letter_code
_entity_poly.pdbx_strand_id
1 'polypeptide(L)'
;GGGGSASIKNPVPCIRDMFFIYKNELYNICLNDLKGEEDEIHIYVQKKVKDSWITLNDLFKETDLTGRPHIFTYIQEDEI
NILLCEDEEFSNRKKDLTCHRFYSNDGKEFNNAEITISGGGSEQKHHHHHH
;
A
2 'polypeptide(L)'
;AVTLDESGGGLQTPGGALSLVCKASGFDFSSYAMGWVRQAPGKGLEYVAGIRNDGSFTLYTPAVKGRATISRDNGQSTVR
LQLNNLRAEDTATYFCTKSADDGGHYSDFSGEIDAWGHGTEVIVSSASTKGPSVFPLAPSSKSTSGGTAALGCLVKDYFP
EPVTVSWNSGALTSGVHTFPAVLQSSGLYSLSSVVTVPSSSLGTQTYICNVNHKPSNTKVDKKVEPKSCDKTHTCPPCPA
PELLGGPSVFLFPPKPKDTLMISRTPEVTCVVVDVSHEDPEVKFNWYVDGVEVHNAKTKPREEQYNSTYRVVSVLTVLHQ
D
;
B
3 'polypeptide(L)'
;ALTQPSSVSANPGETVKITCSGSTYNYGWYQQKSPGSAPVTVIYYNDKRPSDIPSRFSGSKSGSTGTLTITGVQAEDEAV
YYCGNSDSRNVAFGAGTTLTVLRTVAAPSVFIFPPSDEQLKSGTASVVCLLNNFYPREAKVQWKVDNALQSGNSQESVTE
QDSKDSTYSLSSTLTLSKADYEKHKVYACEVTHQGLSSPVTKSFNRGEC
;
C
#
# COMPACT_ATOMS: atom_id res chain seq x y z
N LYS A 9 -32.59 20.56 9.59
CA LYS A 9 -31.42 21.34 9.22
C LYS A 9 -30.91 22.17 10.40
N ASN A 10 -29.71 21.84 10.88
CA ASN A 10 -29.06 22.56 11.99
C ASN A 10 -27.73 23.11 11.49
N PRO A 11 -27.75 24.27 10.82
CA PRO A 11 -26.50 24.85 10.34
C PRO A 11 -25.67 25.45 11.46
N VAL A 12 -24.37 25.55 11.21
CA VAL A 12 -23.41 26.13 12.15
C VAL A 12 -23.46 27.66 11.97
N PRO A 13 -23.28 28.44 13.05
CA PRO A 13 -23.22 29.91 12.90
C PRO A 13 -22.38 30.39 11.74
N CYS A 14 -22.89 31.41 11.03
CA CYS A 14 -22.21 31.96 9.87
C CYS A 14 -22.65 33.41 9.70
N ILE A 15 -21.92 34.14 8.85
CA ILE A 15 -22.21 35.53 8.57
C ILE A 15 -23.10 35.62 7.34
N ARG A 16 -23.98 36.61 7.32
CA ARG A 16 -24.93 36.79 6.22
C ARG A 16 -24.46 37.93 5.32
N ASP A 17 -24.28 37.62 4.04
CA ASP A 17 -23.89 38.63 3.06
C ASP A 17 -24.39 38.19 1.69
N MET A 18 -24.06 38.99 0.67
CA MET A 18 -24.37 38.69 -0.72
C MET A 18 -25.87 38.47 -0.91
N PHE A 19 -26.67 39.33 -0.29
CA PHE A 19 -28.11 39.20 -0.40
C PHE A 19 -28.57 39.47 -1.83
N PHE A 20 -29.55 38.69 -2.27
CA PHE A 20 -30.15 38.90 -3.59
C PHE A 20 -31.60 38.48 -3.54
N ILE A 21 -32.34 38.87 -4.59
CA ILE A 21 -33.78 38.64 -4.67
C ILE A 21 -34.08 37.78 -5.89
N TYR A 22 -34.95 36.79 -5.70
CA TYR A 22 -35.36 35.90 -6.77
C TYR A 22 -36.79 35.42 -6.52
N LYS A 23 -37.64 35.53 -7.55
CA LYS A 23 -39.06 35.20 -7.45
C LYS A 23 -39.72 35.91 -6.27
N ASN A 24 -39.35 37.18 -6.08
CA ASN A 24 -39.91 38.01 -5.00
C ASN A 24 -39.62 37.42 -3.63
N GLU A 25 -38.45 36.78 -3.50
CA GLU A 25 -38.00 36.21 -2.24
C GLU A 25 -36.57 36.64 -1.98
N LEU A 26 -36.26 36.94 -0.72
CA LEU A 26 -34.93 37.37 -0.32
C LEU A 26 -34.07 36.15 -0.01
N TYR A 27 -32.92 36.05 -0.67
CA TYR A 27 -31.97 34.97 -0.47
C TYR A 27 -30.67 35.51 0.12
N ASN A 28 -29.81 34.59 0.54
CA ASN A 28 -28.59 34.96 1.25
C ASN A 28 -27.55 33.86 1.12
N ILE A 29 -26.29 34.26 1.07
CA ILE A 29 -25.14 33.36 1.08
C ILE A 29 -24.51 33.47 2.46
N CYS A 30 -24.60 32.41 3.25
CA CYS A 30 -24.08 32.40 4.61
C CYS A 30 -22.71 31.75 4.62
N LEU A 31 -21.70 32.49 5.08
CA LEU A 31 -20.31 32.04 5.05
C LEU A 31 -19.90 31.61 6.44
N ASN A 32 -19.77 30.30 6.63
CA ASN A 32 -19.28 29.73 7.87
C ASN A 32 -17.78 29.52 7.75
N ASP A 33 -17.01 30.21 8.60
CA ASP A 33 -15.57 30.03 8.54
C ASP A 33 -14.92 30.47 9.84
N LEU A 34 -15.25 29.77 10.92
CA LEU A 34 -14.50 29.90 12.17
C LEU A 34 -13.42 28.82 12.18
N LYS A 35 -12.25 29.18 12.70
CA LYS A 35 -11.07 28.34 12.63
C LYS A 35 -10.99 27.46 13.88
N GLY A 36 -10.95 26.15 13.67
CA GLY A 36 -10.85 25.22 14.78
C GLY A 36 -10.60 23.82 14.29
N GLU A 37 -10.62 22.88 15.24
CA GLU A 37 -10.43 21.47 14.95
C GLU A 37 -11.75 20.72 14.81
N GLU A 38 -12.87 21.46 14.66
CA GLU A 38 -14.17 20.83 14.51
C GLU A 38 -15.08 21.68 13.62
N ASP A 39 -14.51 22.49 12.74
CA ASP A 39 -15.26 23.41 11.90
C ASP A 39 -14.72 23.34 10.49
N GLU A 40 -15.56 22.88 9.56
CA GLU A 40 -15.21 22.85 8.15
C GLU A 40 -15.68 24.13 7.47
N ILE A 41 -15.41 24.25 6.18
CA ILE A 41 -15.78 25.43 5.40
C ILE A 41 -17.15 25.17 4.79
N HIS A 42 -18.16 25.91 5.24
CA HIS A 42 -19.54 25.74 4.80
C HIS A 42 -20.00 27.01 4.12
N ILE A 43 -20.47 26.90 2.88
CA ILE A 43 -21.02 28.01 2.13
C ILE A 43 -22.50 27.74 1.94
N TYR A 44 -23.34 28.41 2.72
CA TYR A 44 -24.77 28.14 2.76
C TYR A 44 -25.55 29.05 1.81
N VAL A 45 -26.76 28.62 1.48
CA VAL A 45 -27.74 29.43 0.77
C VAL A 45 -29.02 29.42 1.59
N GLN A 46 -29.49 30.59 1.99
CA GLN A 46 -30.65 30.70 2.86
C GLN A 46 -31.71 31.56 2.19
N LYS A 47 -32.95 31.38 2.63
CA LYS A 47 -34.10 32.11 2.10
C LYS A 47 -34.93 32.65 3.27
N LYS A 48 -35.31 33.92 3.17
CA LYS A 48 -36.13 34.57 4.20
C LYS A 48 -37.56 34.02 4.13
N VAL A 49 -37.93 33.24 5.14
CA VAL A 49 -39.28 32.68 5.25
C VAL A 49 -39.89 33.27 6.52
N LYS A 50 -40.94 34.08 6.35
CA LYS A 50 -41.59 34.78 7.44
C LYS A 50 -40.59 35.65 8.20
N ASP A 51 -40.06 35.15 9.31
CA ASP A 51 -39.12 35.89 10.14
C ASP A 51 -37.92 35.04 10.53
N SER A 52 -37.51 34.12 9.66
CA SER A 52 -36.38 33.25 9.95
C SER A 52 -35.69 32.87 8.65
N TRP A 53 -34.38 32.72 8.71
CA TRP A 53 -33.60 32.29 7.56
C TRP A 53 -33.52 30.77 7.52
N ILE A 54 -33.92 30.20 6.40
CA ILE A 54 -34.01 28.75 6.23
C ILE A 54 -32.90 28.31 5.29
N THR A 55 -31.94 27.54 5.82
CA THR A 55 -30.79 27.08 5.03
C THR A 55 -31.22 26.04 4.01
N LEU A 56 -30.87 26.28 2.74
CA LEU A 56 -31.27 25.42 1.64
C LEU A 56 -30.19 24.38 1.32
N ASN A 57 -28.98 24.84 1.04
CA ASN A 57 -27.92 23.96 0.60
C ASN A 57 -26.59 24.39 1.20
N ASP A 58 -25.69 23.42 1.32
CA ASP A 58 -24.29 23.70 1.63
C ASP A 58 -23.52 23.50 0.33
N LEU A 59 -23.13 24.61 -0.27
CA LEU A 59 -22.60 24.60 -1.63
C LEU A 59 -21.16 24.09 -1.70
N PHE A 60 -20.38 24.30 -0.63
CA PHE A 60 -18.98 23.90 -0.66
C PHE A 60 -18.78 22.40 -0.55
N LYS A 61 -19.75 21.67 0.02
CA LYS A 61 -19.64 20.21 0.07
C LYS A 61 -19.77 19.59 -1.31
N GLU A 62 -20.38 20.28 -2.26
CA GLU A 62 -20.53 19.80 -3.63
C GLU A 62 -19.34 20.17 -4.51
N THR A 63 -18.21 20.53 -3.91
CA THR A 63 -17.01 20.88 -4.65
C THR A 63 -15.83 20.11 -4.09
N ASP A 64 -14.76 20.06 -4.88
CA ASP A 64 -13.51 19.41 -4.48
C ASP A 64 -12.46 20.41 -4.00
N LEU A 65 -12.83 21.68 -3.85
CA LEU A 65 -11.87 22.70 -3.47
C LEU A 65 -11.42 22.53 -2.02
N THR A 66 -10.23 23.03 -1.72
CA THR A 66 -9.66 22.95 -0.38
C THR A 66 -9.56 24.28 0.33
N GLY A 67 -9.73 25.41 -0.38
CA GLY A 67 -9.66 26.71 0.23
C GLY A 67 -10.91 27.53 -0.07
N ARG A 68 -10.99 28.69 0.57
CA ARG A 68 -12.11 29.59 0.36
C ARG A 68 -12.20 29.97 -1.12
N PRO A 69 -13.37 29.85 -1.73
CA PRO A 69 -13.52 30.21 -3.13
C PRO A 69 -13.98 31.65 -3.31
N HIS A 70 -13.97 32.10 -4.57
CA HIS A 70 -14.57 33.37 -4.95
C HIS A 70 -16.00 33.13 -5.41
N ILE A 71 -16.94 33.85 -4.82
CA ILE A 71 -18.36 33.60 -5.03
C ILE A 71 -18.94 34.72 -5.90
N PHE A 72 -19.86 34.35 -6.78
CA PHE A 72 -20.53 35.30 -7.67
C PHE A 72 -21.97 34.85 -7.87
N THR A 73 -22.89 35.81 -7.89
CA THR A 73 -24.30 35.56 -8.16
C THR A 73 -24.75 36.41 -9.33
N TYR A 74 -25.55 35.80 -10.21
CA TYR A 74 -26.16 36.54 -11.32
C TYR A 74 -27.43 35.82 -11.75
N ILE A 75 -28.50 36.59 -11.93
CA ILE A 75 -29.78 36.06 -12.38
C ILE A 75 -29.77 36.05 -13.91
N GLN A 76 -30.15 34.93 -14.51
CA GLN A 76 -30.20 34.81 -15.96
C GLN A 76 -31.27 33.82 -16.37
N GLU A 77 -32.17 34.25 -17.26
CA GLU A 77 -33.19 33.39 -17.86
C GLU A 77 -34.07 32.75 -16.79
N ASP A 78 -34.53 33.57 -15.85
CA ASP A 78 -35.36 33.11 -14.73
C ASP A 78 -34.65 32.01 -13.93
N GLU A 79 -33.33 32.10 -13.81
CA GLU A 79 -32.54 31.09 -13.14
C GLU A 79 -31.49 31.78 -12.27
N ILE A 80 -31.17 31.15 -11.14
CA ILE A 80 -30.11 31.61 -10.25
C ILE A 80 -28.81 30.92 -10.63
N ASN A 81 -27.71 31.65 -10.47
CA ASN A 81 -26.38 31.14 -10.79
C ASN A 81 -25.44 31.55 -9.67
N ILE A 82 -24.86 30.57 -9.00
CA ILE A 82 -23.85 30.81 -7.97
C ILE A 82 -22.56 30.15 -8.42
N LEU A 83 -21.49 30.93 -8.50
CA LEU A 83 -20.19 30.46 -8.97
C LEU A 83 -19.24 30.34 -7.80
N LEU A 84 -18.52 29.22 -7.74
CA LEU A 84 -17.51 28.98 -6.72
C LEU A 84 -16.18 28.74 -7.46
N CYS A 85 -15.34 29.76 -7.50
CA CYS A 85 -14.08 29.71 -8.24
C CYS A 85 -12.91 29.62 -7.27
N GLU A 86 -11.88 28.86 -7.65
CA GLU A 86 -10.72 28.68 -6.79
C GLU A 86 -9.98 29.99 -6.60
N ASP A 87 -9.67 30.31 -5.34
CA ASP A 87 -8.88 31.49 -5.02
C ASP A 87 -7.42 31.22 -5.33
N GLU A 88 -6.85 32.01 -6.24
CA GLU A 88 -5.46 31.87 -6.65
C GLU A 88 -4.64 33.04 -6.11
N GLU A 89 -3.44 32.73 -5.63
CA GLU A 89 -2.55 33.76 -5.11
C GLU A 89 -2.08 34.66 -6.25
N PHE A 90 -1.76 35.91 -5.91
CA PHE A 90 -1.32 36.86 -6.92
C PHE A 90 0.05 36.49 -7.47
N SER A 91 0.97 36.06 -6.60
CA SER A 91 2.28 35.63 -7.07
C SER A 91 2.20 34.26 -7.73
N ASN A 92 1.53 33.31 -7.07
CA ASN A 92 1.35 31.96 -7.61
C ASN A 92 -0.03 31.85 -8.26
N ARG A 93 -0.17 32.52 -9.39
CA ARG A 93 -1.42 32.55 -10.15
C ARG A 93 -1.30 31.64 -11.36
N LYS A 94 -2.17 30.65 -11.45
CA LYS A 94 -2.15 29.68 -12.53
C LYS A 94 -2.73 30.28 -13.81
N LYS A 95 -2.29 29.75 -14.95
CA LYS A 95 -2.78 30.21 -16.23
C LYS A 95 -4.21 29.76 -16.49
N ASP A 96 -4.71 28.77 -15.75
CA ASP A 96 -6.08 28.29 -15.88
C ASP A 96 -6.76 28.32 -14.53
N LEU A 97 -7.98 28.83 -14.50
CA LEU A 97 -8.77 28.94 -13.27
C LEU A 97 -9.97 28.01 -13.35
N THR A 98 -10.32 27.42 -12.22
CA THR A 98 -11.44 26.48 -12.14
C THR A 98 -12.56 27.09 -11.30
N CYS A 99 -13.79 26.93 -11.80
CA CYS A 99 -14.99 27.36 -11.09
C CYS A 99 -15.95 26.20 -11.00
N HIS A 100 -17.01 26.37 -10.20
CA HIS A 100 -18.05 25.36 -10.01
C HIS A 100 -19.39 26.08 -10.02
N ARG A 101 -20.12 25.98 -11.12
CA ARG A 101 -21.37 26.71 -11.29
C ARG A 101 -22.54 25.89 -10.74
N PHE A 102 -23.46 26.59 -10.07
CA PHE A 102 -24.65 25.99 -9.49
C PHE A 102 -25.88 26.75 -10.00
N TYR A 103 -26.64 26.13 -10.89
CA TYR A 103 -27.86 26.75 -11.42
C TYR A 103 -29.08 26.21 -10.70
N SER A 104 -30.22 26.85 -10.96
CA SER A 104 -31.50 26.47 -10.38
C SER A 104 -32.60 27.22 -11.09
N ASN A 105 -33.75 26.57 -11.28
CA ASN A 105 -34.90 27.23 -11.88
C ASN A 105 -36.01 27.56 -10.88
N ASP A 106 -36.07 26.85 -9.76
CA ASP A 106 -37.19 26.99 -8.83
C ASP A 106 -36.83 27.77 -7.59
N GLY A 107 -35.56 27.75 -7.18
CA GLY A 107 -35.15 28.35 -5.93
C GLY A 107 -35.19 27.41 -4.75
N LYS A 108 -35.11 26.10 -5.00
CA LYS A 108 -35.11 25.11 -3.92
C LYS A 108 -33.98 24.10 -4.11
N GLU A 109 -33.84 23.57 -5.32
CA GLU A 109 -32.82 22.58 -5.64
C GLU A 109 -31.81 23.17 -6.62
N PHE A 110 -30.58 22.68 -6.56
CA PHE A 110 -29.50 23.12 -7.42
C PHE A 110 -28.79 21.92 -8.05
N ASN A 111 -28.16 22.19 -9.19
CA ASN A 111 -27.33 21.21 -9.88
C ASN A 111 -25.93 21.78 -10.06
N ASN A 112 -24.99 20.91 -10.41
CA ASN A 112 -23.59 21.27 -10.56
C ASN A 112 -23.17 21.14 -12.03
N ALA A 113 -22.20 21.97 -12.42
CA ALA A 113 -21.63 21.91 -13.76
C ALA A 113 -20.25 22.58 -13.69
N GLU A 114 -19.23 21.79 -13.36
CA GLU A 114 -17.89 22.32 -13.16
C GLU A 114 -17.33 22.88 -14.47
N ILE A 115 -16.84 24.12 -14.41
CA ILE A 115 -16.31 24.81 -15.59
C ILE A 115 -14.85 25.14 -15.36
N THR A 116 -14.22 25.64 -16.42
CA THR A 116 -12.83 26.08 -16.39
C THR A 116 -12.72 27.47 -17.01
N ILE A 117 -11.74 28.24 -16.54
CA ILE A 117 -11.52 29.59 -17.03
C ILE A 117 -10.20 29.66 -17.80
N ALA B 1 14.07 13.31 -13.90
CA ALA B 1 14.68 12.56 -12.82
C ALA B 1 14.13 12.98 -11.47
N VAL B 2 12.85 12.70 -11.23
CA VAL B 2 12.21 12.98 -9.95
C VAL B 2 12.62 11.89 -8.96
N THR B 3 13.26 12.30 -7.87
CA THR B 3 13.70 11.38 -6.82
C THR B 3 13.10 11.83 -5.49
N LEU B 4 12.67 10.84 -4.70
CA LEU B 4 12.12 11.07 -3.37
C LEU B 4 12.86 10.18 -2.40
N ASP B 5 13.62 10.78 -1.49
CA ASP B 5 14.51 10.05 -0.60
C ASP B 5 13.99 10.17 0.82
N GLU B 6 13.40 9.09 1.33
CA GLU B 6 12.87 9.05 2.67
C GLU B 6 13.91 8.56 3.67
N SER B 7 13.70 8.91 4.93
CA SER B 7 14.55 8.49 6.04
C SER B 7 13.90 8.97 7.34
N GLY B 8 14.23 8.29 8.44
CA GLY B 8 13.80 8.72 9.75
C GLY B 8 12.91 7.75 10.49
N GLY B 9 12.75 6.54 9.96
CA GLY B 9 11.91 5.53 10.57
C GLY B 9 12.72 4.40 11.17
N GLY B 10 12.05 3.60 11.99
CA GLY B 10 12.66 2.46 12.62
C GLY B 10 11.95 2.12 13.93
N LEU B 11 12.72 1.55 14.85
CA LEU B 11 12.18 1.20 16.15
C LEU B 11 11.80 2.45 16.93
N GLN B 12 10.56 2.48 17.42
CA GLN B 12 10.07 3.62 18.19
C GLN B 12 9.30 3.11 19.40
N THR B 13 9.58 3.71 20.55
CA THR B 13 8.91 3.31 21.78
C THR B 13 7.44 3.75 21.75
N PRO B 14 6.52 2.90 22.17
CA PRO B 14 5.10 3.29 22.21
C PRO B 14 4.88 4.50 23.10
N GLY B 15 3.93 5.34 22.68
CA GLY B 15 3.71 6.61 23.34
C GLY B 15 4.78 7.65 23.10
N GLY B 16 5.76 7.36 22.24
CA GLY B 16 6.82 8.30 21.91
C GLY B 16 6.49 9.11 20.67
N ALA B 17 7.55 9.49 19.96
CA ALA B 17 7.39 10.32 18.76
C ALA B 17 8.47 9.98 17.76
N LEU B 18 8.17 10.22 16.49
CA LEU B 18 9.11 9.96 15.39
C LEU B 18 9.10 11.16 14.45
N SER B 19 10.02 11.13 13.48
CA SER B 19 10.09 12.17 12.46
C SER B 19 10.65 11.57 11.19
N LEU B 20 9.88 11.65 10.10
CA LEU B 20 10.32 11.23 8.79
C LEU B 20 10.63 12.46 7.94
N VAL B 21 11.50 12.29 6.95
CA VAL B 21 11.82 13.35 6.02
C VAL B 21 11.85 12.78 4.61
N CYS B 22 11.79 13.69 3.64
CA CYS B 22 11.76 13.32 2.23
C CYS B 22 12.52 14.38 1.45
N LYS B 23 13.72 14.02 0.98
CA LYS B 23 14.53 14.92 0.17
C LYS B 23 14.17 14.71 -1.30
N ALA B 24 13.42 15.64 -1.87
CA ALA B 24 12.96 15.56 -3.25
C ALA B 24 13.90 16.34 -4.17
N SER B 25 13.95 15.92 -5.43
CA SER B 25 14.77 16.59 -6.42
C SER B 25 14.24 16.25 -7.81
N GLY B 26 14.62 17.06 -8.78
CA GLY B 26 14.24 16.85 -10.16
C GLY B 26 12.97 17.56 -10.61
N PHE B 27 12.41 18.44 -9.78
CA PHE B 27 11.21 19.18 -10.15
C PHE B 27 11.13 20.45 -9.32
N ASP B 28 10.34 21.40 -9.82
CA ASP B 28 10.08 22.64 -9.09
C ASP B 28 9.25 22.31 -7.85
N PHE B 29 9.92 22.20 -6.70
CA PHE B 29 9.27 21.72 -5.50
C PHE B 29 8.14 22.64 -5.04
N SER B 30 8.25 23.93 -5.31
CA SER B 30 7.29 24.91 -4.83
C SER B 30 5.97 24.90 -5.58
N SER B 31 5.87 24.17 -6.70
CA SER B 31 4.69 24.21 -7.55
C SER B 31 3.71 23.07 -7.30
N TYR B 32 4.08 22.07 -6.50
CA TYR B 32 3.26 20.88 -6.35
C TYR B 32 3.04 20.55 -4.88
N ALA B 33 1.97 19.80 -4.63
CA ALA B 33 1.65 19.35 -3.28
C ALA B 33 2.35 18.04 -2.98
N MET B 34 2.60 17.80 -1.68
CA MET B 34 3.30 16.62 -1.22
C MET B 34 2.50 15.94 -0.12
N GLY B 35 2.78 14.66 0.08
CA GLY B 35 2.07 13.90 1.10
C GLY B 35 2.76 12.60 1.40
N TRP B 36 2.29 11.94 2.47
CA TRP B 36 2.83 10.68 2.95
C TRP B 36 1.77 9.59 2.88
N VAL B 37 2.18 8.40 2.47
CA VAL B 37 1.30 7.23 2.37
C VAL B 37 1.93 6.09 3.17
N ARG B 38 1.13 5.41 3.98
CA ARG B 38 1.61 4.30 4.78
C ARG B 38 0.86 3.02 4.44
N GLN B 39 1.43 1.89 4.83
CA GLN B 39 0.83 0.58 4.61
C GLN B 39 1.24 -0.32 5.77
N ALA B 40 0.27 -0.70 6.60
CA ALA B 40 0.48 -1.59 7.73
C ALA B 40 0.71 -3.02 7.25
N PRO B 41 1.34 -3.87 8.09
CA PRO B 41 1.51 -5.28 7.70
C PRO B 41 0.19 -5.95 7.41
N GLY B 42 0.07 -6.49 6.20
CA GLY B 42 -1.13 -7.20 5.80
C GLY B 42 -2.30 -6.32 5.42
N LYS B 43 -2.13 -5.01 5.37
CA LYS B 43 -3.20 -4.08 5.05
C LYS B 43 -2.87 -3.31 3.78
N GLY B 44 -3.84 -2.53 3.31
CA GLY B 44 -3.69 -1.78 2.07
C GLY B 44 -3.07 -0.42 2.30
N LEU B 45 -3.18 0.42 1.27
CA LEU B 45 -2.62 1.76 1.30
C LEU B 45 -3.53 2.71 2.08
N GLU B 46 -2.91 3.67 2.76
CA GLU B 46 -3.65 4.67 3.51
C GLU B 46 -2.90 5.99 3.47
N TYR B 47 -3.59 7.05 3.07
CA TYR B 47 -3.00 8.39 3.04
C TYR B 47 -2.93 8.92 4.46
N VAL B 48 -1.76 9.42 4.85
CA VAL B 48 -1.50 9.87 6.21
C VAL B 48 -1.69 11.38 6.36
N ALA B 49 -0.99 12.15 5.54
CA ALA B 49 -1.06 13.60 5.63
C ALA B 49 -0.66 14.20 4.29
N GLY B 50 -1.26 15.35 3.98
CA GLY B 50 -0.92 16.08 2.78
C GLY B 50 -0.78 17.56 3.08
N ILE B 51 -0.01 18.24 2.22
CA ILE B 51 0.24 19.67 2.36
C ILE B 51 0.20 20.31 0.98
N ARG B 52 -0.22 21.56 0.94
CA ARG B 52 -0.33 22.28 -0.32
C ARG B 52 1.05 22.66 -0.85
N ASN B 53 1.06 23.29 -2.03
CA ASN B 53 2.32 23.68 -2.66
C ASN B 53 3.04 24.74 -1.84
N ASP B 54 2.28 25.67 -1.24
CA ASP B 54 2.84 26.69 -0.36
C ASP B 54 2.80 26.32 1.11
N GLY B 55 1.85 25.48 1.53
CA GLY B 55 1.77 25.02 2.90
C GLY B 55 0.61 25.56 3.71
N SER B 56 -0.28 26.35 3.11
CA SER B 56 -1.38 26.96 3.84
C SER B 56 -2.56 26.01 4.06
N PHE B 57 -2.50 24.78 3.56
CA PHE B 57 -3.57 23.81 3.75
C PHE B 57 -2.98 22.44 4.01
N THR B 58 -3.38 21.82 5.11
CA THR B 58 -2.96 20.47 5.46
C THR B 58 -4.18 19.60 5.71
N LEU B 59 -4.03 18.32 5.42
CA LEU B 59 -5.06 17.32 5.68
C LEU B 59 -4.42 16.12 6.36
N TYR B 60 -5.24 15.37 7.08
CA TYR B 60 -4.77 14.22 7.84
C TYR B 60 -5.82 13.12 7.81
N THR B 61 -5.36 11.87 7.91
CA THR B 61 -6.28 10.76 8.09
C THR B 61 -6.87 10.81 9.50
N PRO B 62 -8.10 10.31 9.68
CA PRO B 62 -8.70 10.35 11.02
C PRO B 62 -7.88 9.62 12.08
N ALA B 63 -7.09 8.62 11.71
CA ALA B 63 -6.35 7.82 12.68
C ALA B 63 -5.13 8.52 13.25
N VAL B 64 -4.83 9.75 12.83
CA VAL B 64 -3.68 10.48 13.35
C VAL B 64 -4.10 11.84 13.85
N LYS B 65 -5.39 11.99 14.20
CA LYS B 65 -5.91 13.27 14.66
C LYS B 65 -5.18 13.72 15.92
N GLY B 66 -4.71 14.96 15.92
CA GLY B 66 -4.04 15.53 17.07
C GLY B 66 -2.65 14.99 17.35
N ARG B 67 -2.10 14.17 16.46
CA ARG B 67 -0.78 13.59 16.66
C ARG B 67 0.19 13.85 15.52
N ALA B 68 -0.29 14.32 14.36
CA ALA B 68 0.53 14.45 13.18
C ALA B 68 0.77 15.92 12.82
N THR B 69 1.92 16.18 12.19
CA THR B 69 2.27 17.52 11.73
C THR B 69 3.09 17.38 10.47
N ILE B 70 2.56 17.85 9.34
CA ILE B 70 3.25 17.79 8.06
C ILE B 70 3.75 19.18 7.71
N SER B 71 5.01 19.26 7.29
CA SER B 71 5.63 20.54 6.96
C SER B 71 6.57 20.35 5.77
N ARG B 72 6.91 21.46 5.13
CA ARG B 72 7.75 21.44 3.95
C ARG B 72 8.65 22.67 3.94
N ASP B 73 9.74 22.56 3.19
CA ASP B 73 10.68 23.66 2.97
C ASP B 73 10.89 23.76 1.47
N ASN B 74 10.22 24.73 0.84
CA ASN B 74 10.31 24.87 -0.62
C ASN B 74 11.71 25.23 -1.07
N GLY B 75 12.49 25.92 -0.23
CA GLY B 75 13.86 26.22 -0.58
C GLY B 75 14.77 25.01 -0.44
N GLN B 76 14.47 24.13 0.52
CA GLN B 76 15.25 22.91 0.74
C GLN B 76 14.65 21.69 0.07
N SER B 77 13.44 21.77 -0.46
CA SER B 77 12.77 20.65 -1.13
C SER B 77 12.65 19.45 -0.19
N THR B 78 12.40 19.71 1.09
CA THR B 78 12.23 18.67 2.09
C THR B 78 10.83 18.78 2.68
N VAL B 79 10.12 17.65 2.73
CA VAL B 79 8.82 17.55 3.40
C VAL B 79 8.93 16.49 4.49
N ARG B 80 8.53 16.85 5.71
CA ARG B 80 8.66 15.99 6.87
C ARG B 80 7.30 15.64 7.45
N LEU B 81 7.29 14.60 8.28
CA LEU B 81 6.11 14.17 8.99
C LEU B 81 6.47 13.87 10.44
N GLN B 82 5.64 14.31 11.36
CA GLN B 82 5.87 14.10 12.79
C GLN B 82 4.65 13.45 13.40
N LEU B 83 4.86 12.34 14.09
CA LEU B 83 3.78 11.58 14.71
C LEU B 83 4.09 11.39 16.18
N ASN B 84 3.20 11.87 17.04
CA ASN B 84 3.34 11.77 18.48
C ASN B 84 2.39 10.73 19.04
N ASN B 85 2.67 10.29 20.27
CA ASN B 85 1.84 9.34 21.00
C ASN B 85 1.58 8.08 20.17
N LEU B 86 2.67 7.38 19.87
CA LEU B 86 2.63 6.30 18.90
C LEU B 86 1.91 5.07 19.46
N ARG B 87 1.07 4.47 18.63
CA ARG B 87 0.41 3.22 18.94
C ARG B 87 0.87 2.14 17.96
N ALA B 88 0.57 0.89 18.29
CA ALA B 88 0.95 -0.22 17.41
C ALA B 88 0.26 -0.14 16.06
N GLU B 89 -0.87 0.57 15.95
CA GLU B 89 -1.54 0.73 14.67
C GLU B 89 -0.77 1.61 13.71
N ASP B 90 0.27 2.31 14.17
CA ASP B 90 1.10 3.13 13.32
C ASP B 90 2.30 2.38 12.74
N THR B 91 2.48 1.11 13.13
CA THR B 91 3.53 0.27 12.54
C THR B 91 3.20 0.02 11.08
N ALA B 92 4.00 0.56 10.18
CA ALA B 92 3.72 0.49 8.75
C ALA B 92 4.98 0.92 7.99
N THR B 93 4.89 0.84 6.66
CA THR B 93 5.91 1.38 5.77
C THR B 93 5.38 2.68 5.17
N TYR B 94 6.17 3.75 5.28
CA TYR B 94 5.72 5.09 4.91
C TYR B 94 6.41 5.53 3.62
N PHE B 95 5.61 6.02 2.67
CA PHE B 95 6.09 6.46 1.37
C PHE B 95 5.81 7.96 1.21
N CYS B 96 6.81 8.68 0.72
CA CYS B 96 6.66 10.09 0.38
C CYS B 96 6.18 10.21 -1.07
N THR B 97 5.14 11.01 -1.27
CA THR B 97 4.50 11.12 -2.58
C THR B 97 4.49 12.57 -3.05
N LYS B 98 4.58 12.73 -4.37
CA LYS B 98 4.47 14.03 -5.03
C LYS B 98 3.20 14.06 -5.87
N SER B 99 2.44 15.15 -5.75
CA SER B 99 1.26 15.35 -6.56
C SER B 99 1.61 16.06 -7.87
N ALA B 100 0.69 15.98 -8.83
CA ALA B 100 0.86 16.66 -10.10
C ALA B 100 0.29 18.08 -10.08
N ASP B 101 -0.53 18.42 -9.10
CA ASP B 101 -1.14 19.73 -8.99
C ASP B 101 -0.63 20.43 -7.72
N ASP B 102 -1.24 21.57 -7.41
CA ASP B 102 -0.81 22.40 -6.30
C ASP B 102 -1.45 22.02 -4.98
N GLY B 103 -2.58 21.33 -5.00
CA GLY B 103 -3.30 20.99 -3.78
C GLY B 103 -4.57 21.77 -3.53
N GLY B 104 -5.04 22.54 -4.51
CA GLY B 104 -6.31 23.22 -4.37
C GLY B 104 -7.52 22.32 -4.43
N HIS B 105 -7.35 21.08 -4.87
CA HIS B 105 -8.42 20.10 -4.95
C HIS B 105 -8.04 18.86 -4.16
N TYR B 106 -9.02 18.25 -3.50
CA TYR B 106 -8.74 17.08 -2.66
C TYR B 106 -8.24 15.90 -3.48
N SER B 107 -8.70 15.75 -4.71
CA SER B 107 -8.27 14.64 -5.55
C SER B 107 -6.85 14.81 -6.08
N ASP B 108 -6.16 15.90 -5.72
CA ASP B 108 -4.76 16.07 -6.13
C ASP B 108 -3.81 15.23 -5.30
N PHE B 109 -4.18 14.94 -4.05
CA PHE B 109 -3.25 14.28 -3.13
C PHE B 109 -3.20 12.77 -3.33
N SER B 110 -4.30 12.15 -3.74
CA SER B 110 -4.33 10.71 -3.97
C SER B 110 -4.67 10.31 -5.40
N GLY B 111 -5.22 11.22 -6.20
CA GLY B 111 -5.60 10.90 -7.56
C GLY B 111 -4.59 11.34 -8.59
N GLU B 112 -3.73 12.31 -8.23
CA GLU B 112 -2.73 12.83 -9.16
C GLU B 112 -1.31 12.59 -8.64
N ILE B 113 -1.06 11.46 -7.99
CA ILE B 113 0.30 11.11 -7.58
C ILE B 113 1.05 10.62 -8.81
N ASP B 114 2.10 11.35 -9.20
CA ASP B 114 2.92 10.97 -10.34
C ASP B 114 4.32 10.52 -9.92
N ALA B 115 4.63 10.50 -8.63
CA ALA B 115 5.95 10.12 -8.16
C ALA B 115 5.83 9.49 -6.77
N TRP B 116 6.59 8.42 -6.56
CA TRP B 116 6.66 7.75 -5.26
C TRP B 116 8.11 7.62 -4.83
N GLY B 117 8.30 7.51 -3.51
CA GLY B 117 9.60 7.19 -2.96
C GLY B 117 9.81 5.69 -2.87
N HIS B 118 10.89 5.31 -2.20
CA HIS B 118 11.18 3.90 -1.97
C HIS B 118 10.70 3.41 -0.62
N GLY B 119 10.20 4.29 0.23
CA GLY B 119 9.59 3.90 1.48
C GLY B 119 10.57 3.89 2.65
N THR B 120 10.01 3.91 3.85
CA THR B 120 10.75 3.75 5.09
C THR B 120 9.83 3.08 6.10
N GLU B 121 10.40 2.21 6.94
CA GLU B 121 9.62 1.35 7.81
C GLU B 121 9.61 1.90 9.23
N VAL B 122 8.41 2.03 9.80
CA VAL B 122 8.21 2.47 11.18
C VAL B 122 7.67 1.30 11.99
N ILE B 123 8.32 1.01 13.11
CA ILE B 123 7.95 -0.12 13.96
C ILE B 123 7.76 0.42 15.38
N VAL B 124 6.51 0.44 15.84
CA VAL B 124 6.16 0.89 17.18
C VAL B 124 6.10 -0.36 18.06
N SER B 125 7.13 -0.55 18.90
CA SER B 125 7.22 -1.75 19.70
C SER B 125 7.97 -1.46 20.99
N SER B 126 7.57 -2.16 22.06
CA SER B 126 8.25 -2.10 23.35
C SER B 126 9.40 -3.08 23.43
N ALA B 127 9.87 -3.61 22.31
CA ALA B 127 10.93 -4.61 22.27
C ALA B 127 12.23 -3.97 21.78
N SER B 128 13.30 -4.74 21.90
CA SER B 128 14.64 -4.27 21.56
C SER B 128 15.06 -4.81 20.19
N THR B 129 16.34 -4.66 19.88
CA THR B 129 16.90 -5.08 18.60
C THR B 129 17.65 -6.39 18.76
N LYS B 130 17.32 -7.37 17.91
CA LYS B 130 18.00 -8.66 17.92
C LYS B 130 18.41 -9.04 16.50
N GLY B 131 19.66 -9.48 16.35
CA GLY B 131 20.12 -10.04 15.10
C GLY B 131 19.56 -11.43 14.89
N PRO B 132 19.65 -11.93 13.66
CA PRO B 132 19.03 -13.22 13.34
C PRO B 132 19.99 -14.39 13.52
N SER B 133 19.40 -15.57 13.71
CA SER B 133 20.13 -16.83 13.71
C SER B 133 19.97 -17.50 12.36
N VAL B 134 21.08 -17.97 11.79
CA VAL B 134 21.10 -18.54 10.45
C VAL B 134 21.39 -20.03 10.55
N PHE B 135 20.44 -20.85 10.12
CA PHE B 135 20.56 -22.29 10.13
C PHE B 135 20.39 -22.84 8.72
N PRO B 136 21.25 -23.73 8.27
CA PRO B 136 21.16 -24.21 6.88
C PRO B 136 19.99 -25.17 6.70
N LEU B 137 19.45 -25.16 5.49
CA LEU B 137 18.43 -26.13 5.06
C LEU B 137 19.17 -27.10 4.13
N ALA B 138 19.74 -28.15 4.71
CA ALA B 138 20.64 -29.00 3.95
C ALA B 138 19.86 -29.91 3.01
N PRO B 139 20.38 -30.16 1.81
CA PRO B 139 19.76 -31.08 0.83
C PRO B 139 20.12 -32.54 1.12
N GLY B 147 16.81 -35.49 -10.19
CA GLY B 147 17.25 -34.68 -11.30
C GLY B 147 17.84 -33.35 -10.88
N THR B 148 17.16 -32.69 -9.95
CA THR B 148 17.63 -31.42 -9.40
C THR B 148 17.33 -31.39 -7.91
N ALA B 149 18.20 -30.69 -7.17
CA ALA B 149 18.10 -30.63 -5.72
C ALA B 149 17.74 -29.23 -5.27
N ALA B 150 17.23 -29.14 -4.04
CA ALA B 150 16.84 -27.88 -3.44
C ALA B 150 17.52 -27.73 -2.09
N LEU B 151 18.36 -26.71 -1.96
CA LEU B 151 18.98 -26.34 -0.69
C LEU B 151 18.44 -24.99 -0.25
N GLY B 152 18.61 -24.69 1.04
CA GLY B 152 18.09 -23.45 1.58
C GLY B 152 18.86 -22.90 2.75
N CYS B 153 18.21 -22.02 3.52
CA CYS B 153 18.88 -21.27 4.57
C CYS B 153 17.85 -20.55 5.42
N LEU B 154 17.69 -20.96 6.68
CA LEU B 154 16.67 -20.40 7.54
C LEU B 154 17.24 -19.24 8.36
N VAL B 155 16.54 -18.11 8.34
CA VAL B 155 16.94 -16.91 9.07
C VAL B 155 15.86 -16.67 10.12
N LYS B 156 16.18 -16.95 11.38
CA LYS B 156 15.19 -17.05 12.44
C LYS B 156 15.53 -16.09 13.58
N ASP B 157 14.48 -15.58 14.23
CA ASP B 157 14.55 -14.81 15.47
C ASP B 157 15.33 -13.50 15.26
N TYR B 158 14.68 -12.55 14.61
CA TYR B 158 15.24 -11.22 14.44
C TYR B 158 14.15 -10.17 14.59
N PHE B 159 14.56 -8.98 15.01
CA PHE B 159 13.65 -7.85 15.20
C PHE B 159 14.45 -6.56 15.16
N PRO B 160 14.00 -5.54 14.41
CA PRO B 160 12.81 -5.51 13.55
C PRO B 160 13.00 -6.21 12.22
N GLU B 161 12.11 -5.94 11.27
CA GLU B 161 11.92 -6.71 10.04
C GLU B 161 13.02 -6.59 8.99
N PRO B 162 13.56 -5.37 8.69
CA PRO B 162 14.43 -5.23 7.51
C PRO B 162 15.62 -6.19 7.45
N VAL B 163 15.55 -7.14 6.53
CA VAL B 163 16.62 -8.11 6.32
C VAL B 163 16.77 -8.36 4.83
N THR B 164 17.99 -8.67 4.41
CA THR B 164 18.31 -8.94 3.03
C THR B 164 19.12 -10.21 2.92
N VAL B 165 18.79 -11.03 1.94
CA VAL B 165 19.48 -12.30 1.69
C VAL B 165 19.96 -12.31 0.25
N SER B 166 21.25 -12.57 0.06
CA SER B 166 21.80 -12.91 -1.24
C SER B 166 22.40 -14.30 -1.19
N TRP B 167 22.74 -14.83 -2.36
CA TRP B 167 23.34 -16.15 -2.47
C TRP B 167 24.65 -16.05 -3.24
N ASN B 168 25.74 -16.48 -2.61
CA ASN B 168 27.09 -16.37 -3.16
C ASN B 168 27.41 -14.92 -3.52
N SER B 169 27.06 -14.02 -2.60
CA SER B 169 27.36 -12.59 -2.71
C SER B 169 26.65 -11.95 -3.91
N GLY B 170 25.68 -12.65 -4.48
CA GLY B 170 24.93 -12.18 -5.63
C GLY B 170 25.22 -12.94 -6.91
N ALA B 171 26.12 -13.92 -6.88
CA ALA B 171 26.40 -14.72 -8.07
C ALA B 171 25.22 -15.62 -8.41
N LEU B 172 24.58 -16.19 -7.40
CA LEU B 172 23.44 -17.08 -7.61
C LEU B 172 22.16 -16.25 -7.48
N THR B 173 21.42 -16.11 -8.58
CA THR B 173 20.19 -15.33 -8.57
C THR B 173 19.02 -16.13 -9.14
N SER B 174 19.32 -17.04 -10.08
CA SER B 174 18.28 -17.79 -10.75
C SER B 174 17.85 -18.98 -9.90
N GLY B 175 16.54 -19.14 -9.74
CA GLY B 175 15.99 -20.19 -8.91
C GLY B 175 15.82 -19.82 -7.45
N VAL B 176 16.40 -18.71 -7.00
CA VAL B 176 16.32 -18.31 -5.60
C VAL B 176 14.89 -17.89 -5.26
N HIS B 177 14.42 -18.30 -4.09
CA HIS B 177 13.12 -17.89 -3.56
C HIS B 177 13.28 -17.49 -2.10
N THR B 178 13.12 -16.20 -1.81
CA THR B 178 13.13 -15.69 -0.45
C THR B 178 11.71 -15.35 -0.05
N PHE B 179 11.20 -16.06 0.95
CA PHE B 179 9.80 -15.97 1.32
C PHE B 179 9.52 -14.74 2.20
N PRO B 180 8.31 -14.21 2.15
CA PRO B 180 7.94 -13.13 3.07
C PRO B 180 8.06 -13.59 4.52
N ALA B 181 8.60 -12.72 5.36
CA ALA B 181 8.80 -13.07 6.76
C ALA B 181 7.47 -13.19 7.49
N VAL B 182 7.48 -13.98 8.55
CA VAL B 182 6.30 -14.21 9.38
C VAL B 182 6.66 -13.83 10.81
N LEU B 183 5.70 -13.21 11.51
CA LEU B 183 5.90 -12.83 12.91
C LEU B 183 5.47 -14.00 13.79
N GLN B 184 6.42 -14.57 14.52
CA GLN B 184 6.15 -15.70 15.39
C GLN B 184 5.49 -15.21 16.68
N SER B 185 5.13 -16.16 17.55
CA SER B 185 4.49 -15.81 18.82
C SER B 185 5.46 -15.08 19.75
N SER B 186 6.75 -15.36 19.63
CA SER B 186 7.77 -14.75 20.49
C SER B 186 8.07 -13.30 20.11
N GLY B 187 7.31 -12.69 19.20
CA GLY B 187 7.60 -11.33 18.78
C GLY B 187 8.83 -11.20 17.92
N LEU B 188 9.26 -12.28 17.28
CA LEU B 188 10.44 -12.29 16.44
C LEU B 188 10.08 -12.78 15.05
N TYR B 189 10.61 -12.12 14.03
CA TYR B 189 10.35 -12.51 12.66
C TYR B 189 11.23 -13.69 12.25
N SER B 190 10.74 -14.46 11.29
CA SER B 190 11.47 -15.60 10.77
C SER B 190 11.25 -15.70 9.27
N LEU B 191 12.29 -16.14 8.56
CA LEU B 191 12.28 -16.11 7.10
C LEU B 191 13.13 -17.26 6.57
N SER B 192 12.71 -17.82 5.44
CA SER B 192 13.42 -18.89 4.77
C SER B 192 13.72 -18.50 3.33
N SER B 193 14.94 -18.79 2.87
CA SER B 193 15.37 -18.51 1.51
C SER B 193 15.92 -19.79 0.90
N VAL B 194 15.30 -20.25 -0.19
CA VAL B 194 15.67 -21.50 -0.83
C VAL B 194 16.05 -21.23 -2.28
N VAL B 195 16.74 -22.20 -2.88
CA VAL B 195 17.16 -22.13 -4.28
C VAL B 195 17.34 -23.55 -4.79
N THR B 196 16.85 -23.79 -6.01
CA THR B 196 16.95 -25.10 -6.65
C THR B 196 18.13 -25.10 -7.61
N VAL B 197 18.96 -26.13 -7.54
CA VAL B 197 20.21 -26.19 -8.30
C VAL B 197 20.41 -27.62 -8.81
N PRO B 198 21.24 -27.79 -9.85
CA PRO B 198 21.49 -29.16 -10.34
C PRO B 198 22.12 -30.03 -9.27
N SER B 199 21.57 -31.23 -9.11
CA SER B 199 22.06 -32.16 -8.09
C SER B 199 23.51 -32.55 -8.34
N SER B 200 23.94 -32.54 -9.60
CA SER B 200 25.32 -32.85 -9.95
C SER B 200 26.30 -31.76 -9.53
N SER B 201 25.82 -30.65 -8.98
CA SER B 201 26.67 -29.56 -8.52
C SER B 201 26.86 -29.56 -7.00
N LEU B 202 26.15 -30.41 -6.28
CA LEU B 202 26.34 -30.52 -4.84
C LEU B 202 27.68 -31.17 -4.54
N GLY B 203 28.39 -30.60 -3.57
CA GLY B 203 29.69 -31.09 -3.17
C GLY B 203 30.85 -30.54 -3.99
N THR B 204 30.60 -30.21 -5.25
CA THR B 204 31.62 -29.66 -6.12
C THR B 204 31.50 -28.14 -6.30
N GLN B 205 30.38 -27.56 -5.89
CA GLN B 205 30.20 -26.12 -5.92
C GLN B 205 29.72 -25.67 -4.54
N THR B 206 30.35 -24.61 -4.02
CA THR B 206 30.07 -24.12 -2.68
C THR B 206 28.92 -23.12 -2.71
N TYR B 207 27.94 -23.32 -1.83
CA TYR B 207 26.75 -22.47 -1.74
C TYR B 207 26.75 -21.79 -0.39
N ILE B 208 26.80 -20.46 -0.40
CA ILE B 208 26.95 -19.66 0.81
C ILE B 208 25.74 -18.76 0.95
N CYS B 209 25.20 -18.70 2.17
CA CYS B 209 24.03 -17.90 2.48
C CYS B 209 24.49 -16.57 3.07
N ASN B 210 24.20 -15.48 2.36
CA ASN B 210 24.57 -14.13 2.78
C ASN B 210 23.34 -13.43 3.37
N VAL B 211 23.42 -13.06 4.65
CA VAL B 211 22.32 -12.40 5.34
C VAL B 211 22.83 -11.11 5.97
N ASN B 212 22.02 -10.06 5.91
CA ASN B 212 22.39 -8.76 6.47
C ASN B 212 21.19 -8.16 7.19
N HIS B 213 21.35 -7.88 8.48
CA HIS B 213 20.31 -7.27 9.30
C HIS B 213 20.82 -5.89 9.73
N LYS B 214 20.31 -4.85 9.06
CA LYS B 214 20.79 -3.50 9.31
C LYS B 214 20.54 -3.01 10.73
N PRO B 215 19.37 -3.20 11.35
CA PRO B 215 19.15 -2.61 12.69
C PRO B 215 20.07 -3.14 13.78
N SER B 216 20.76 -4.25 13.55
CA SER B 216 21.64 -4.81 14.56
C SER B 216 23.10 -4.86 14.10
N ASN B 217 23.40 -4.33 12.91
CA ASN B 217 24.73 -4.37 12.33
C ASN B 217 25.26 -5.80 12.25
N THR B 218 24.39 -6.69 11.79
CA THR B 218 24.68 -8.12 11.72
C THR B 218 24.83 -8.54 10.27
N LYS B 219 25.98 -9.12 9.94
CA LYS B 219 26.23 -9.70 8.63
C LYS B 219 26.72 -11.12 8.84
N VAL B 220 25.96 -12.09 8.31
CA VAL B 220 26.23 -13.51 8.54
C VAL B 220 26.44 -14.17 7.18
N ASP B 221 27.56 -14.88 7.05
CA ASP B 221 27.86 -15.70 5.88
C ASP B 221 27.88 -17.16 6.32
N LYS B 222 26.98 -17.96 5.77
CA LYS B 222 26.81 -19.35 6.19
C LYS B 222 26.84 -20.25 4.96
N LYS B 223 27.82 -21.15 4.91
CA LYS B 223 27.87 -22.16 3.85
C LYS B 223 26.89 -23.28 4.15
N VAL B 224 26.15 -23.71 3.13
CA VAL B 224 25.16 -24.76 3.25
C VAL B 224 25.71 -26.02 2.59
N GLU B 225 25.86 -27.08 3.38
CA GLU B 225 26.30 -28.38 2.89
C GLU B 225 25.33 -29.45 3.37
N PRO B 226 25.19 -30.54 2.63
CA PRO B 226 24.46 -31.71 3.15
C PRO B 226 25.34 -32.61 3.98
N LYS B 227 24.74 -33.20 5.01
CA LYS B 227 25.42 -34.17 5.86
C LYS B 227 25.69 -35.46 5.08
N ALA C 1 -17.40 5.15 0.05
CA ALA C 1 -15.96 4.93 -0.09
C ALA C 1 -15.60 4.55 -1.53
N LEU C 2 -14.30 4.48 -1.81
CA LEU C 2 -13.81 4.06 -3.12
C LEU C 2 -13.92 2.55 -3.24
N THR C 3 -14.80 2.09 -4.12
CA THR C 3 -15.07 0.66 -4.29
C THR C 3 -14.39 0.15 -5.55
N GLN C 4 -13.62 -0.93 -5.40
CA GLN C 4 -12.98 -1.64 -6.49
C GLN C 4 -12.97 -3.12 -6.16
N PRO C 5 -12.95 -3.99 -7.16
CA PRO C 5 -13.06 -5.42 -6.89
C PRO C 5 -11.88 -5.94 -6.08
N SER C 6 -12.11 -7.07 -5.40
CA SER C 6 -11.06 -7.67 -4.58
C SER C 6 -9.97 -8.29 -5.46
N SER C 7 -10.38 -9.09 -6.44
CA SER C 7 -9.43 -9.80 -7.29
C SER C 7 -9.94 -9.81 -8.72
N VAL C 8 -9.00 -9.97 -9.65
CA VAL C 8 -9.29 -10.02 -11.08
C VAL C 8 -8.34 -11.01 -11.73
N SER C 9 -8.89 -11.97 -12.47
CA SER C 9 -8.09 -12.97 -13.16
C SER C 9 -8.17 -12.78 -14.67
N ALA C 10 -7.09 -13.11 -15.36
CA ALA C 10 -7.02 -12.90 -16.80
C ALA C 10 -5.88 -13.71 -17.39
N ASN C 11 -6.13 -14.32 -18.55
CA ASN C 11 -5.07 -14.95 -19.31
C ASN C 11 -4.22 -13.89 -20.01
N PRO C 12 -2.97 -14.22 -20.34
CA PRO C 12 -2.16 -13.28 -21.11
C PRO C 12 -2.79 -12.96 -22.46
N GLY C 13 -2.53 -11.74 -22.94
CA GLY C 13 -3.10 -11.28 -24.20
C GLY C 13 -4.52 -10.77 -24.10
N GLU C 14 -5.17 -10.90 -22.96
CA GLU C 14 -6.53 -10.42 -22.78
C GLU C 14 -6.52 -8.96 -22.34
N THR C 15 -7.65 -8.30 -22.54
CA THR C 15 -7.84 -6.91 -22.13
C THR C 15 -8.50 -6.90 -20.76
N VAL C 16 -7.79 -6.39 -19.75
CA VAL C 16 -8.25 -6.35 -18.38
C VAL C 16 -8.83 -4.98 -18.07
N LYS C 17 -9.86 -4.95 -17.23
CA LYS C 17 -10.56 -3.71 -16.91
C LYS C 17 -10.87 -3.70 -15.41
N ILE C 18 -10.11 -2.91 -14.65
CA ILE C 18 -10.33 -2.74 -13.22
C ILE C 18 -10.99 -1.39 -13.00
N THR C 19 -12.13 -1.40 -12.32
CA THR C 19 -12.94 -0.21 -12.14
C THR C 19 -12.90 0.26 -10.68
N CYS C 20 -13.16 1.55 -10.49
CA CYS C 20 -13.16 2.18 -9.18
C CYS C 20 -14.27 3.21 -9.16
N SER C 21 -15.20 3.07 -8.23
CA SER C 21 -16.38 3.93 -8.16
C SER C 21 -16.43 4.64 -6.81
N GLY C 22 -17.20 5.72 -6.76
CA GLY C 22 -17.40 6.49 -5.55
C GLY C 22 -17.00 7.95 -5.65
N SER C 23 -16.38 8.40 -6.73
CA SER C 23 -15.96 9.79 -6.83
C SER C 23 -16.09 10.25 -8.27
N THR C 24 -16.50 11.50 -8.45
CA THR C 24 -16.67 12.10 -9.76
C THR C 24 -15.44 12.88 -10.21
N TYR C 25 -14.38 12.90 -9.40
CA TYR C 25 -13.21 13.71 -9.70
C TYR C 25 -12.06 12.87 -10.26
N ASN C 26 -10.82 13.31 -10.04
CA ASN C 26 -9.68 12.75 -10.75
C ASN C 26 -9.19 11.46 -10.10
N TYR C 27 -8.98 10.44 -10.93
CA TYR C 27 -8.60 9.10 -10.50
C TYR C 27 -7.12 8.84 -10.72
N GLY C 28 -6.54 8.03 -9.84
CA GLY C 28 -5.18 7.56 -10.02
C GLY C 28 -5.12 6.05 -9.82
N TRP C 29 -4.04 5.46 -10.34
CA TRP C 29 -3.85 4.02 -10.24
C TRP C 29 -2.38 3.73 -9.93
N TYR C 30 -2.15 2.90 -8.92
CA TYR C 30 -0.80 2.64 -8.42
C TYR C 30 -0.60 1.14 -8.25
N GLN C 31 0.48 0.63 -8.82
CA GLN C 31 0.76 -0.81 -8.88
C GLN C 31 1.76 -1.18 -7.79
N GLN C 32 1.48 -2.27 -7.08
CA GLN C 32 2.37 -2.77 -6.04
C GLN C 32 2.57 -4.26 -6.24
N LYS C 33 3.81 -4.67 -6.50
CA LYS C 33 4.11 -6.08 -6.71
C LYS C 33 4.13 -6.85 -5.40
N SER C 34 5.01 -6.45 -4.47
CA SER C 34 5.14 -7.10 -3.18
C SER C 34 4.58 -6.21 -2.08
N PRO C 35 3.95 -6.78 -1.06
CA PRO C 35 3.48 -5.96 0.07
C PRO C 35 4.65 -5.28 0.77
N GLY C 36 4.45 -4.00 1.10
CA GLY C 36 5.50 -3.19 1.68
C GLY C 36 6.50 -2.63 0.68
N SER C 37 6.46 -3.06 -0.57
CA SER C 37 7.34 -2.52 -1.58
C SER C 37 6.77 -1.23 -2.17
N ALA C 38 7.66 -0.39 -2.68
CA ALA C 38 7.28 0.92 -3.16
C ALA C 38 6.33 0.82 -4.35
N PRO C 39 5.13 1.40 -4.28
CA PRO C 39 4.23 1.37 -5.43
C PRO C 39 4.74 2.28 -6.55
N VAL C 40 4.27 1.98 -7.76
CA VAL C 40 4.60 2.75 -8.96
C VAL C 40 3.31 3.24 -9.58
N THR C 41 3.29 4.52 -9.95
CA THR C 41 2.14 5.09 -10.65
C THR C 41 2.09 4.58 -12.08
N VAL C 42 0.96 4.01 -12.48
CA VAL C 42 0.73 3.62 -13.86
C VAL C 42 -0.20 4.59 -14.57
N ILE C 43 -1.23 5.07 -13.87
CA ILE C 43 -2.17 6.04 -14.42
C ILE C 43 -2.47 7.07 -13.34
N TYR C 44 -2.42 8.35 -13.70
CA TYR C 44 -2.76 9.43 -12.80
C TYR C 44 -3.55 10.47 -13.58
N TYR C 45 -4.35 11.27 -12.87
CA TYR C 45 -5.18 12.30 -13.49
C TYR C 45 -6.08 11.68 -14.56
N ASN C 46 -6.79 10.61 -14.18
CA ASN C 46 -7.83 9.98 -14.98
C ASN C 46 -7.28 9.20 -16.19
N ASP C 47 -6.35 9.79 -16.94
CA ASP C 47 -5.88 9.13 -18.16
C ASP C 47 -4.43 9.38 -18.49
N LYS C 48 -3.68 10.10 -17.67
CA LYS C 48 -2.28 10.36 -17.97
C LYS C 48 -1.41 9.16 -17.57
N ARG C 49 -0.41 8.87 -18.40
CA ARG C 49 0.46 7.74 -18.18
C ARG C 49 1.91 8.22 -18.14
N PRO C 50 2.68 7.88 -17.10
CA PRO C 50 4.09 8.28 -17.05
C PRO C 50 4.88 7.71 -18.22
N SER C 51 6.01 8.36 -18.49
CA SER C 51 6.82 8.03 -19.67
C SER C 51 7.56 6.71 -19.53
N ASP C 52 7.55 6.08 -18.35
CA ASP C 52 8.21 4.79 -18.15
C ASP C 52 7.21 3.66 -17.96
N ILE C 53 5.93 3.91 -18.18
CA ILE C 53 4.88 2.90 -18.03
C ILE C 53 4.53 2.36 -19.41
N PRO C 54 4.42 1.05 -19.60
CA PRO C 54 4.16 0.50 -20.93
C PRO C 54 2.83 1.00 -21.50
N SER C 55 2.78 1.05 -22.84
CA SER C 55 1.64 1.65 -23.54
C SER C 55 0.35 0.84 -23.39
N ARG C 56 0.41 -0.40 -22.90
CA ARG C 56 -0.82 -1.18 -22.72
C ARG C 56 -1.65 -0.69 -21.54
N PHE C 57 -1.09 0.15 -20.67
CA PHE C 57 -1.83 0.71 -19.55
C PHE C 57 -2.52 2.00 -19.99
N SER C 58 -3.82 2.09 -19.70
CA SER C 58 -4.62 3.26 -20.05
C SER C 58 -5.66 3.49 -18.97
N GLY C 59 -6.13 4.74 -18.88
CA GLY C 59 -7.09 5.11 -17.87
C GLY C 59 -8.31 5.78 -18.49
N SER C 60 -9.40 5.74 -17.74
CA SER C 60 -10.67 6.27 -18.22
C SER C 60 -11.57 6.61 -17.04
N LYS C 61 -12.50 7.51 -17.28
CA LYS C 61 -13.50 7.89 -16.28
C LYS C 61 -14.82 8.18 -16.97
N SER C 62 -15.92 7.77 -16.33
CA SER C 62 -17.26 8.04 -16.85
C SER C 62 -18.19 8.18 -15.67
N GLY C 63 -18.73 9.38 -15.47
CA GLY C 63 -19.59 9.62 -14.33
C GLY C 63 -18.78 9.55 -13.05
N SER C 64 -19.23 8.72 -12.10
CA SER C 64 -18.48 8.53 -10.87
C SER C 64 -17.79 7.17 -10.85
N THR C 65 -17.07 6.86 -11.93
CA THR C 65 -16.42 5.56 -12.05
C THR C 65 -15.15 5.71 -12.90
N GLY C 66 -14.00 5.54 -12.26
CA GLY C 66 -12.75 5.46 -13.00
C GLY C 66 -12.47 4.03 -13.45
N THR C 67 -11.78 3.91 -14.58
CA THR C 67 -11.56 2.61 -15.20
C THR C 67 -10.11 2.51 -15.67
N LEU C 68 -9.36 1.59 -15.08
CA LEU C 68 -8.03 1.23 -15.55
C LEU C 68 -8.13 0.11 -16.56
N THR C 69 -7.28 0.15 -17.58
CA THR C 69 -7.35 -0.81 -18.68
C THR C 69 -5.95 -1.31 -19.00
N ILE C 70 -5.82 -2.63 -19.13
CA ILE C 70 -4.57 -3.28 -19.53
C ILE C 70 -4.89 -4.09 -20.77
N THR C 71 -4.68 -3.49 -21.95
CA THR C 71 -4.95 -4.18 -23.20
C THR C 71 -3.83 -5.17 -23.50
N GLY C 72 -4.18 -6.45 -23.61
CA GLY C 72 -3.17 -7.48 -23.81
C GLY C 72 -2.28 -7.61 -22.60
N VAL C 73 -2.83 -8.09 -21.49
CA VAL C 73 -2.09 -8.16 -20.24
C VAL C 73 -0.92 -9.14 -20.36
N GLN C 74 0.17 -8.82 -19.69
CA GLN C 74 1.38 -9.63 -19.68
C GLN C 74 1.52 -10.34 -18.34
N ALA C 75 2.37 -11.37 -18.32
CA ALA C 75 2.61 -12.09 -17.07
C ALA C 75 3.29 -11.21 -16.04
N GLU C 76 4.11 -10.25 -16.47
CA GLU C 76 4.79 -9.37 -15.55
C GLU C 76 3.87 -8.33 -14.92
N ASP C 77 2.63 -8.24 -15.38
CA ASP C 77 1.67 -7.29 -14.83
C ASP C 77 1.00 -7.80 -13.56
N GLU C 78 1.40 -8.95 -13.04
CA GLU C 78 0.84 -9.45 -11.80
C GLU C 78 1.18 -8.50 -10.65
N ALA C 79 0.15 -8.08 -9.92
CA ALA C 79 0.31 -7.16 -8.79
C ALA C 79 -1.04 -6.85 -8.17
N VAL C 80 -1.03 -6.04 -7.10
CA VAL C 80 -2.24 -5.42 -6.58
C VAL C 80 -2.25 -3.97 -7.06
N TYR C 81 -3.42 -3.51 -7.47
CA TYR C 81 -3.58 -2.16 -8.01
C TYR C 81 -4.53 -1.39 -7.12
N TYR C 82 -4.09 -0.20 -6.67
CA TYR C 82 -4.88 0.66 -5.82
C TYR C 82 -5.35 1.88 -6.60
N CYS C 83 -6.63 2.22 -6.47
CA CYS C 83 -7.16 3.44 -7.03
C CYS C 83 -7.25 4.51 -5.94
N GLY C 84 -6.87 5.73 -6.30
CA GLY C 84 -6.90 6.85 -5.37
C GLY C 84 -7.73 7.98 -5.94
N ASN C 85 -8.47 8.65 -5.05
CA ASN C 85 -9.35 9.75 -5.44
C ASN C 85 -9.73 10.49 -4.16
N SER C 86 -10.75 11.34 -4.25
CA SER C 86 -11.27 12.06 -3.09
C SER C 86 -12.72 11.64 -2.88
N ASP C 87 -12.96 10.88 -1.82
CA ASP C 87 -14.30 10.38 -1.51
C ASP C 87 -14.95 11.34 -0.52
N SER C 88 -15.79 12.23 -1.03
CA SER C 88 -16.54 13.22 -0.25
C SER C 88 -15.59 14.05 0.62
N ARG C 89 -14.74 14.81 -0.07
CA ARG C 89 -13.81 15.75 0.56
C ARG C 89 -12.80 15.06 1.46
N ASN C 90 -12.53 13.77 1.23
CA ASN C 90 -11.57 13.00 2.01
C ASN C 90 -10.59 12.33 1.06
N VAL C 91 -9.29 12.53 1.31
CA VAL C 91 -8.26 11.85 0.53
C VAL C 91 -8.28 10.37 0.89
N ALA C 92 -8.55 9.52 -0.10
CA ALA C 92 -8.77 8.11 0.16
C ALA C 92 -8.16 7.26 -0.94
N PHE C 93 -8.01 5.97 -0.64
CA PHE C 93 -7.61 4.94 -1.58
C PHE C 93 -8.70 3.88 -1.66
N GLY C 94 -8.57 3.01 -2.67
CA GLY C 94 -9.43 1.84 -2.75
C GLY C 94 -8.88 0.69 -1.92
N ALA C 95 -9.68 -0.38 -1.82
CA ALA C 95 -9.26 -1.56 -1.08
C ALA C 95 -8.18 -2.36 -1.79
N GLY C 96 -7.90 -2.05 -3.06
CA GLY C 96 -6.90 -2.79 -3.80
C GLY C 96 -7.48 -3.96 -4.56
N THR C 97 -7.00 -4.17 -5.78
CA THR C 97 -7.45 -5.27 -6.64
C THR C 97 -6.23 -6.07 -7.09
N THR C 98 -6.23 -7.35 -6.74
CA THR C 98 -5.11 -8.23 -7.09
C THR C 98 -5.37 -8.85 -8.47
N LEU C 99 -4.39 -8.72 -9.36
CA LEU C 99 -4.44 -9.32 -10.68
C LEU C 99 -3.67 -10.63 -10.65
N THR C 100 -4.37 -11.74 -10.82
CA THR C 100 -3.75 -13.06 -10.92
C THR C 100 -3.78 -13.48 -12.39
N VAL C 101 -2.60 -13.62 -12.99
CA VAL C 101 -2.50 -14.08 -14.37
C VAL C 101 -2.83 -15.57 -14.43
N LEU C 102 -3.68 -15.95 -15.38
CA LEU C 102 -4.12 -17.33 -15.50
C LEU C 102 -3.08 -18.17 -16.23
N ARG C 103 -3.04 -19.46 -15.89
CA ARG C 103 -1.94 -20.32 -16.30
C ARG C 103 -2.41 -21.77 -16.27
N THR C 104 -1.69 -22.63 -16.98
CA THR C 104 -1.96 -24.05 -16.89
C THR C 104 -1.65 -24.57 -15.49
N VAL C 105 -2.34 -25.65 -15.11
CA VAL C 105 -2.15 -26.24 -13.79
C VAL C 105 -0.75 -26.84 -13.70
N ALA C 106 -0.02 -26.49 -12.65
CA ALA C 106 1.34 -26.96 -12.43
C ALA C 106 1.47 -27.51 -11.02
N ALA C 107 1.98 -28.74 -10.91
CA ALA C 107 2.16 -29.39 -9.63
C ALA C 107 3.42 -28.86 -8.93
N PRO C 108 3.43 -28.87 -7.59
CA PRO C 108 4.61 -28.38 -6.86
C PRO C 108 5.67 -29.44 -6.66
N SER C 109 6.92 -28.98 -6.61
CA SER C 109 8.05 -29.81 -6.25
C SER C 109 8.25 -29.70 -4.74
N VAL C 110 8.01 -30.79 -4.02
CA VAL C 110 7.98 -30.78 -2.56
C VAL C 110 9.33 -31.24 -2.03
N PHE C 111 9.85 -30.50 -1.06
CA PHE C 111 11.09 -30.83 -0.35
C PHE C 111 10.87 -30.63 1.13
N ILE C 112 11.44 -31.51 1.94
CA ILE C 112 11.35 -31.42 3.40
C ILE C 112 12.76 -31.34 3.97
N PHE C 113 12.95 -30.46 4.95
CA PHE C 113 14.27 -30.18 5.50
C PHE C 113 14.29 -30.47 7.00
N PRO C 114 15.15 -31.36 7.47
CA PRO C 114 15.26 -31.60 8.91
C PRO C 114 15.94 -30.44 9.60
N PRO C 115 15.80 -30.30 10.91
CA PRO C 115 16.52 -29.25 11.63
C PRO C 115 18.02 -29.50 11.61
N SER C 116 18.79 -28.41 11.53
CA SER C 116 20.23 -28.51 11.49
C SER C 116 20.77 -28.90 12.86
N ASP C 117 21.98 -29.49 12.86
CA ASP C 117 22.63 -29.82 14.12
C ASP C 117 22.99 -28.56 14.89
N GLU C 118 23.31 -27.48 14.18
CA GLU C 118 23.62 -26.22 14.84
C GLU C 118 22.42 -25.67 15.59
N GLN C 119 21.22 -25.81 15.02
CA GLN C 119 20.03 -25.35 15.71
C GLN C 119 19.59 -26.30 16.81
N LEU C 120 19.82 -27.61 16.63
CA LEU C 120 19.33 -28.59 17.60
C LEU C 120 20.00 -28.43 18.95
N LYS C 121 21.25 -27.99 18.98
CA LYS C 121 21.94 -27.78 20.24
C LYS C 121 21.54 -26.48 20.92
N SER C 122 20.52 -25.79 20.40
CA SER C 122 20.01 -24.56 21.00
C SER C 122 18.71 -24.75 21.75
N GLY C 123 18.09 -25.93 21.68
CA GLY C 123 16.85 -26.20 22.36
C GLY C 123 15.59 -26.03 21.55
N THR C 124 15.72 -25.90 20.23
CA THR C 124 14.55 -25.71 19.35
C THR C 124 14.83 -26.43 18.03
N ALA C 125 13.82 -27.13 17.53
CA ALA C 125 13.89 -27.81 16.24
C ALA C 125 12.91 -27.17 15.28
N SER C 126 13.35 -26.93 14.04
CA SER C 126 12.50 -26.35 13.00
C SER C 126 12.57 -27.24 11.77
N VAL C 127 11.42 -27.78 11.36
CA VAL C 127 11.29 -28.59 10.14
C VAL C 127 10.60 -27.74 9.10
N VAL C 128 11.13 -27.75 7.87
CA VAL C 128 10.66 -26.88 6.80
C VAL C 128 10.17 -27.74 5.64
N CYS C 129 8.93 -27.50 5.21
CA CYS C 129 8.34 -28.12 4.03
C CYS C 129 8.24 -27.08 2.93
N LEU C 130 8.79 -27.39 1.77
CA LEU C 130 8.91 -26.44 0.66
C LEU C 130 8.10 -26.92 -0.53
N LEU C 131 7.21 -26.07 -1.03
CA LEU C 131 6.44 -26.32 -2.24
C LEU C 131 6.89 -25.34 -3.32
N ASN C 132 7.30 -25.88 -4.47
CA ASN C 132 8.03 -25.11 -5.47
C ASN C 132 7.28 -25.04 -6.79
N ASN C 133 7.07 -23.83 -7.29
CA ASN C 133 6.62 -23.55 -8.65
C ASN C 133 5.35 -24.34 -9.01
N PHE C 134 4.24 -23.87 -8.45
CA PHE C 134 2.95 -24.50 -8.67
C PHE C 134 1.89 -23.46 -9.00
N TYR C 135 0.75 -23.94 -9.48
CA TYR C 135 -0.42 -23.14 -9.80
C TYR C 135 -1.62 -24.08 -9.90
N PRO C 136 -2.79 -23.71 -9.36
CA PRO C 136 -3.15 -22.44 -8.70
C PRO C 136 -2.59 -22.28 -7.28
N ARG C 137 -2.96 -21.18 -6.62
CA ARG C 137 -2.41 -20.86 -5.30
C ARG C 137 -2.98 -21.76 -4.20
N GLU C 138 -4.16 -22.34 -4.41
CA GLU C 138 -4.77 -23.19 -3.38
C GLU C 138 -3.99 -24.48 -3.23
N ALA C 139 -3.67 -24.83 -1.97
CA ALA C 139 -2.93 -26.03 -1.64
C ALA C 139 -3.03 -26.27 -0.13
N LYS C 140 -3.21 -27.54 0.24
CA LYS C 140 -3.29 -27.92 1.65
C LYS C 140 -2.01 -28.62 2.07
N VAL C 141 -1.40 -28.13 3.14
CA VAL C 141 -0.15 -28.68 3.68
C VAL C 141 -0.39 -29.01 5.15
N GLN C 142 -0.29 -30.29 5.49
CA GLN C 142 -0.51 -30.77 6.85
C GLN C 142 0.75 -31.41 7.39
N TRP C 143 0.99 -31.22 8.68
CA TRP C 143 2.15 -31.80 9.36
C TRP C 143 1.71 -33.01 10.18
N LYS C 144 2.46 -34.10 10.06
CA LYS C 144 2.20 -35.33 10.80
C LYS C 144 3.50 -35.79 11.45
N VAL C 145 3.45 -36.01 12.76
CA VAL C 145 4.59 -36.50 13.53
C VAL C 145 4.21 -37.87 14.07
N ASP C 146 4.88 -38.90 13.57
CA ASP C 146 4.54 -40.30 13.87
C ASP C 146 3.07 -40.58 13.57
N ASN C 147 2.63 -40.14 12.39
CA ASN C 147 1.26 -40.32 11.93
C ASN C 147 0.25 -39.68 12.89
N ALA C 148 0.63 -38.54 13.47
CA ALA C 148 -0.25 -37.77 14.33
C ALA C 148 -0.31 -36.35 13.81
N LEU C 149 -1.51 -35.88 13.47
CA LEU C 149 -1.66 -34.57 12.87
C LEU C 149 -1.30 -33.47 13.87
N GLN C 150 -0.42 -32.57 13.45
CA GLN C 150 -0.01 -31.44 14.29
C GLN C 150 -0.94 -30.26 14.02
N SER C 151 -1.36 -29.60 15.10
CA SER C 151 -2.33 -28.52 15.01
C SER C 151 -1.86 -27.36 15.88
N GLY C 152 -1.65 -26.20 15.25
CA GLY C 152 -1.38 -24.98 15.98
C GLY C 152 0.06 -24.71 16.33
N ASN C 153 1.01 -25.38 15.68
CA ASN C 153 2.42 -25.16 15.96
C ASN C 153 3.22 -25.02 14.66
N SER C 154 2.58 -24.56 13.59
CA SER C 154 3.23 -24.38 12.31
C SER C 154 2.75 -23.08 11.67
N GLN C 155 3.61 -22.50 10.82
CA GLN C 155 3.30 -21.32 10.04
C GLN C 155 3.76 -21.54 8.61
N GLU C 156 3.10 -20.87 7.67
CA GLU C 156 3.46 -20.98 6.27
C GLU C 156 3.53 -19.61 5.62
N SER C 157 4.37 -19.51 4.60
CA SER C 157 4.61 -18.28 3.87
C SER C 157 4.56 -18.56 2.37
N VAL C 158 3.93 -17.66 1.62
CA VAL C 158 3.72 -17.82 0.19
C VAL C 158 4.35 -16.64 -0.53
N THR C 159 5.12 -16.92 -1.57
CA THR C 159 5.70 -15.88 -2.40
C THR C 159 4.64 -15.26 -3.31
N GLU C 160 5.01 -14.17 -3.96
CA GLU C 160 4.12 -13.55 -4.94
C GLU C 160 4.18 -14.33 -6.24
N GLN C 161 3.15 -14.14 -7.07
CA GLN C 161 3.11 -14.82 -8.36
C GLN C 161 4.32 -14.42 -9.20
N ASP C 162 4.90 -15.40 -9.89
CA ASP C 162 6.11 -15.15 -10.64
C ASP C 162 5.81 -14.30 -11.87
N SER C 163 6.66 -13.30 -12.12
CA SER C 163 6.47 -12.40 -13.25
C SER C 163 6.77 -13.06 -14.58
N LYS C 164 7.35 -14.26 -14.60
CA LYS C 164 7.71 -14.94 -15.83
C LYS C 164 6.88 -16.18 -16.11
N ASP C 165 6.69 -17.06 -15.13
CA ASP C 165 5.93 -18.28 -15.33
C ASP C 165 4.64 -18.37 -14.51
N SER C 166 4.29 -17.31 -13.77
CA SER C 166 3.01 -17.20 -13.07
C SER C 166 2.81 -18.33 -12.06
N THR C 167 3.89 -18.85 -11.49
CA THR C 167 3.82 -19.90 -10.49
C THR C 167 4.03 -19.32 -9.09
N TYR C 168 3.66 -20.10 -8.09
CA TYR C 168 3.82 -19.73 -6.69
C TYR C 168 4.82 -20.65 -6.01
N SER C 169 5.30 -20.21 -4.85
CA SER C 169 6.12 -21.04 -3.97
C SER C 169 5.66 -20.87 -2.54
N LEU C 170 5.57 -21.98 -1.82
CA LEU C 170 5.09 -22.01 -0.46
C LEU C 170 6.12 -22.70 0.43
N SER C 171 6.21 -22.24 1.67
CA SER C 171 7.08 -22.83 2.67
C SER C 171 6.30 -22.97 3.97
N SER C 172 6.26 -24.18 4.51
CA SER C 172 5.62 -24.46 5.79
C SER C 172 6.68 -24.86 6.81
N THR C 173 6.67 -24.20 7.96
CA THR C 173 7.67 -24.41 9.00
C THR C 173 7.00 -24.95 10.25
N LEU C 174 7.49 -26.09 10.74
CA LEU C 174 6.98 -26.75 11.93
C LEU C 174 8.02 -26.62 13.04
N THR C 175 7.62 -26.07 14.18
CA THR C 175 8.55 -25.77 15.27
C THR C 175 8.21 -26.64 16.47
N LEU C 176 9.24 -27.30 17.02
CA LEU C 176 9.14 -28.10 18.22
C LEU C 176 10.28 -27.76 19.16
N SER C 177 10.18 -28.25 20.39
CA SER C 177 11.32 -28.22 21.29
C SER C 177 12.19 -29.44 21.04
N LYS C 178 13.46 -29.35 21.44
CA LYS C 178 14.39 -30.45 21.25
C LYS C 178 13.94 -31.70 21.99
N ALA C 179 13.35 -31.53 23.17
CA ALA C 179 12.89 -32.69 23.93
C ALA C 179 11.74 -33.40 23.22
N ASP C 180 10.83 -32.64 22.61
CA ASP C 180 9.74 -33.26 21.86
C ASP C 180 10.22 -33.81 20.53
N TYR C 181 11.20 -33.15 19.90
CA TYR C 181 11.68 -33.61 18.61
C TYR C 181 12.47 -34.91 18.72
N GLU C 182 13.18 -35.11 19.83
CA GLU C 182 13.96 -36.32 20.04
C GLU C 182 13.14 -37.45 20.64
N LYS C 183 11.83 -37.28 20.78
CA LYS C 183 10.96 -38.35 21.21
C LYS C 183 10.32 -39.10 20.06
N HIS C 184 10.22 -38.48 18.89
CA HIS C 184 9.55 -39.06 17.74
C HIS C 184 10.56 -39.35 16.63
N LYS C 185 10.12 -40.14 15.66
CA LYS C 185 11.01 -40.64 14.62
C LYS C 185 10.68 -40.08 13.24
N VAL C 186 9.50 -40.37 12.69
CA VAL C 186 9.19 -39.97 11.33
C VAL C 186 8.51 -38.60 11.36
N TYR C 187 8.89 -37.74 10.41
CA TYR C 187 8.37 -36.39 10.28
C TYR C 187 8.00 -36.18 8.82
N ALA C 188 6.71 -35.92 8.56
CA ALA C 188 6.20 -35.88 7.21
C ALA C 188 5.23 -34.71 7.04
N CYS C 189 5.32 -34.05 5.90
CA CYS C 189 4.32 -33.10 5.44
C CYS C 189 3.69 -33.65 4.18
N GLU C 190 2.37 -33.84 4.19
CA GLU C 190 1.65 -34.25 3.00
C GLU C 190 0.93 -33.05 2.40
N VAL C 191 1.00 -32.94 1.07
CA VAL C 191 0.49 -31.78 0.35
C VAL C 191 -0.66 -32.22 -0.55
N THR C 192 -1.67 -31.36 -0.66
CA THR C 192 -2.82 -31.61 -1.50
C THR C 192 -2.96 -30.46 -2.50
N HIS C 193 -3.01 -30.81 -3.79
CA HIS C 193 -3.05 -29.81 -4.84
C HIS C 193 -3.88 -30.34 -5.99
N GLN C 194 -4.31 -29.43 -6.88
CA GLN C 194 -5.09 -29.82 -8.04
C GLN C 194 -4.25 -30.50 -9.11
N GLY C 195 -2.94 -30.31 -9.10
CA GLY C 195 -2.05 -31.01 -10.00
C GLY C 195 -1.51 -32.33 -9.47
N LEU C 196 -1.92 -32.73 -8.27
CA LEU C 196 -1.48 -33.96 -7.64
C LEU C 196 -2.66 -34.92 -7.57
N SER C 197 -2.59 -36.01 -8.35
CA SER C 197 -3.68 -37.00 -8.34
C SER C 197 -3.91 -37.54 -6.94
N SER C 198 -2.85 -37.70 -6.16
CA SER C 198 -2.93 -38.17 -4.80
C SER C 198 -2.05 -37.30 -3.92
N PRO C 199 -2.39 -37.14 -2.65
CA PRO C 199 -1.56 -36.33 -1.74
C PRO C 199 -0.15 -36.90 -1.62
N VAL C 200 0.83 -36.11 -2.04
CA VAL C 200 2.23 -36.50 -1.97
C VAL C 200 2.74 -36.27 -0.55
N THR C 201 3.54 -37.21 -0.04
CA THR C 201 4.11 -37.12 1.30
C THR C 201 5.63 -37.18 1.20
N LYS C 202 6.29 -36.16 1.73
CA LYS C 202 7.75 -36.12 1.85
C LYS C 202 8.11 -36.25 3.33
N SER C 203 8.96 -37.24 3.64
CA SER C 203 9.23 -37.59 5.03
C SER C 203 10.69 -37.95 5.22
N PHE C 204 11.10 -37.96 6.49
CA PHE C 204 12.40 -38.45 6.90
C PHE C 204 12.29 -39.04 8.29
N ASN C 205 13.25 -39.90 8.63
CA ASN C 205 13.35 -40.47 9.97
C ASN C 205 14.53 -39.82 10.68
N ARG C 206 14.31 -39.40 11.92
CA ARG C 206 15.33 -38.67 12.66
C ARG C 206 16.54 -39.56 12.93
N GLY C 207 17.72 -39.04 12.65
CA GLY C 207 18.96 -39.76 12.86
C GLY C 207 19.39 -40.66 11.73
N GLU C 208 18.75 -40.57 10.57
CA GLU C 208 19.07 -41.40 9.42
C GLU C 208 19.40 -40.52 8.23
N CYS C 209 20.22 -41.06 7.33
CA CYS C 209 20.70 -40.32 6.15
C CYS C 209 19.56 -39.76 5.31
#